data_7HEV
#
_entry.id   7HEV
#
_cell.length_a   88.716
_cell.length_b   88.716
_cell.length_c   39.527
_cell.angle_alpha   90.000
_cell.angle_beta   90.000
_cell.angle_gamma   90.000
#
_symmetry.space_group_name_H-M   'P 43'
#
loop_
_entity.id
_entity.type
_entity.pdbx_description
1 polymer 'Non-structural protein 3'
2 non-polymer (2R)-3-(pyridin-2-yl)-2-[(7H-pyrrolo[2,3-d]pyrimidin-4-yl)amino]propan-1-ol
3 non-polymer (2S)-3-(pyridin-2-yl)-2-[(7H-pyrrolo[2,3-d]pyrimidin-4-yl)amino]propan-1-ol
4 non-polymer 'CHLORIDE ION'
5 water water
#
_entity_poly.entity_id   1
_entity_poly.type   'polypeptide(L)'
_entity_poly.pdbx_seq_one_letter_code
;SMVNSFSGYLKLTDNVYIKNADIVEEAKKVKPTVVVNAANVYLKHGGGVAGALNKATNNAMQVESDDYIATNGPLKVGGS
CVLSGHNLAKHCLHVVGPNVNKGEDIQLLKSAYENFNQHEVLLAPLLSAGIFGADPIHSLRVCVDTVRTNVYLAVFDKNL
YDKLVSSFL
;
_entity_poly.pdbx_strand_id   A,B
#
# COMPACT_ATOMS: atom_id res chain seq x y z
N VAL A 3 5.07 -8.96 -21.95
N VAL A 3 5.13 -8.97 -22.04
CA VAL A 3 6.37 -8.39 -22.29
CA VAL A 3 6.41 -8.37 -22.37
C VAL A 3 6.36 -6.88 -22.03
C VAL A 3 6.39 -6.87 -22.09
N ASN A 4 7.42 -6.39 -21.39
CA ASN A 4 7.58 -4.97 -21.11
C ASN A 4 8.99 -4.54 -21.53
N SER A 5 9.28 -3.25 -21.37
CA SER A 5 10.49 -2.65 -21.90
C SER A 5 11.63 -2.54 -20.89
N PHE A 6 11.48 -3.16 -19.72
N PHE A 6 11.49 -3.14 -19.71
CA PHE A 6 12.55 -3.18 -18.74
CA PHE A 6 12.57 -3.10 -18.74
C PHE A 6 13.63 -4.15 -19.19
C PHE A 6 13.77 -3.90 -19.25
N SER A 7 14.89 -3.74 -19.11
N SER A 7 14.95 -3.30 -19.18
CA SER A 7 16.01 -4.48 -19.67
CA SER A 7 16.13 -3.80 -19.89
C SER A 7 17.15 -4.56 -18.66
C SER A 7 17.17 -4.28 -18.89
N GLY A 8 17.86 -5.69 -18.65
N GLY A 8 17.64 -5.52 -19.09
CA GLY A 8 19.05 -5.83 -17.84
CA GLY A 8 18.79 -6.01 -18.36
C GLY A 8 18.82 -6.23 -16.38
C GLY A 8 18.56 -6.26 -16.89
N TYR A 9 17.61 -6.64 -16.02
N TYR A 9 17.33 -6.55 -16.48
CA TYR A 9 17.31 -7.00 -14.64
CA TYR A 9 17.05 -6.83 -15.08
C TYR A 9 17.63 -8.46 -14.37
C TYR A 9 17.33 -8.30 -14.78
N LEU A 10 18.03 -8.73 -13.13
N LEU A 10 17.93 -8.54 -13.61
CA LEU A 10 18.10 -10.09 -12.61
CA LEU A 10 18.10 -9.88 -13.08
C LEU A 10 16.75 -10.46 -12.01
C LEU A 10 16.80 -10.30 -12.41
N LYS A 11 16.31 -11.68 -12.28
N LYS A 11 16.27 -11.46 -12.79
CA LYS A 11 15.01 -12.16 -11.80
CA LYS A 11 15.05 -11.98 -12.21
C LYS A 11 15.22 -12.82 -10.44
C LYS A 11 15.36 -12.58 -10.84
N LEU A 12 14.60 -12.26 -9.40
N LEU A 12 14.66 -12.12 -9.81
CA LEU A 12 14.73 -12.87 -8.08
CA LEU A 12 14.83 -12.65 -8.47
C LEU A 12 13.63 -13.88 -7.80
C LEU A 12 13.78 -13.68 -8.08
N THR A 13 12.40 -13.56 -8.20
N THR A 13 12.51 -13.43 -8.40
CA THR A 13 11.23 -14.43 -8.03
CA THR A 13 11.42 -14.33 -8.05
C THR A 13 10.36 -14.30 -9.26
C THR A 13 10.42 -14.33 -9.20
N ASP A 14 9.18 -14.91 -9.19
N ASP A 14 9.27 -14.95 -8.97
CA ASP A 14 8.21 -14.82 -10.27
CA ASP A 14 8.21 -14.92 -9.99
C ASP A 14 7.94 -13.37 -10.68
C ASP A 14 7.86 -13.50 -10.39
N ASN A 15 7.88 -12.46 -9.70
N ASN A 15 7.99 -12.52 -9.47
CA ASN A 15 7.40 -11.10 -9.95
CA ASN A 15 7.45 -11.20 -9.74
C ASN A 15 8.38 -10.01 -9.56
C ASN A 15 8.38 -10.04 -9.34
N VAL A 16 9.49 -10.32 -8.88
N VAL A 16 9.65 -10.28 -9.07
CA VAL A 16 10.46 -9.32 -8.40
CA VAL A 16 10.57 -9.24 -8.63
C VAL A 16 11.75 -9.44 -9.20
C VAL A 16 11.83 -9.30 -9.48
N TYR A 17 12.20 -8.31 -9.73
N TYR A 17 12.28 -8.14 -9.95
CA TYR A 17 13.41 -8.16 -10.53
CA TYR A 17 13.41 -8.00 -10.85
C TYR A 17 14.27 -7.06 -9.91
C TYR A 17 14.28 -6.86 -10.34
N ILE A 18 15.58 -7.10 -10.15
N ILE A 18 15.60 -6.93 -10.57
CA ILE A 18 16.51 -6.17 -9.52
CA ILE A 18 16.52 -5.99 -9.96
C ILE A 18 17.65 -5.82 -10.48
C ILE A 18 17.64 -5.61 -10.93
N LYS A 19 18.13 -4.58 -10.37
N LYS A 19 18.07 -4.34 -10.83
CA LYS A 19 19.18 -4.06 -11.26
CA LYS A 19 19.11 -3.81 -11.70
C LYS A 19 19.95 -2.97 -10.54
C LYS A 19 19.91 -2.76 -10.93
N ASN A 20 21.24 -2.86 -10.87
N ASN A 20 21.23 -2.75 -11.15
CA ASN A 20 22.05 -1.72 -10.44
CA ASN A 20 22.10 -1.72 -10.58
C ASN A 20 21.80 -0.59 -11.43
C ASN A 20 21.96 -0.47 -11.44
N ALA A 21 21.06 0.43 -10.99
N ALA A 21 21.08 0.44 -11.03
CA ALA A 21 20.69 1.50 -11.90
CA ALA A 21 20.84 1.65 -11.80
C ALA A 21 20.27 2.72 -11.10
C ALA A 21 20.19 2.70 -10.91
N ASP A 22 20.40 3.89 -11.74
N ASP A 22 20.42 3.96 -11.28
CA ASP A 22 19.88 5.14 -11.22
CA ASP A 22 19.70 5.09 -10.69
C ASP A 22 18.42 5.23 -11.62
C ASP A 22 18.25 5.05 -11.16
N ILE A 23 17.53 5.21 -10.63
N ILE A 23 17.30 5.07 -10.22
CA ILE A 23 16.09 5.19 -10.90
CA ILE A 23 15.89 5.01 -10.58
C ILE A 23 15.68 6.40 -11.74
C ILE A 23 15.52 6.16 -11.50
N VAL A 24 16.37 7.52 -11.60
N VAL A 24 16.18 7.31 -11.34
CA VAL A 24 16.09 8.68 -12.43
CA VAL A 24 15.89 8.46 -12.21
C VAL A 24 16.33 8.35 -13.90
C VAL A 24 16.27 8.14 -13.65
N GLU A 25 17.52 7.81 -14.19
N GLU A 25 17.44 7.51 -13.84
CA GLU A 25 17.85 7.47 -15.58
CA GLU A 25 17.86 7.17 -15.19
C GLU A 25 17.00 6.32 -16.09
C GLU A 25 17.00 6.05 -15.77
N GLU A 26 16.68 5.36 -15.22
N GLU A 26 16.61 5.07 -14.95
CA GLU A 26 15.80 4.26 -15.63
CA GLU A 26 15.68 4.04 -15.43
C GLU A 26 14.43 4.79 -16.04
C GLU A 26 14.34 4.65 -15.83
N ALA A 27 13.84 5.65 -15.21
N ALA A 27 13.88 5.66 -15.08
CA ALA A 27 12.50 6.17 -15.50
CA ALA A 27 12.62 6.30 -15.42
C ALA A 27 12.50 6.95 -16.81
C ALA A 27 12.75 7.06 -16.75
N LYS A 28 13.51 7.80 -17.02
N LYS A 28 13.84 7.82 -16.91
CA LYS A 28 13.59 8.56 -18.26
CA LYS A 28 14.00 8.62 -18.11
C LYS A 28 13.66 7.64 -19.46
C LYS A 28 14.05 7.77 -19.38
N LYS A 29 14.41 6.53 -19.35
N LYS A 29 14.44 6.50 -19.25
CA LYS A 29 14.54 5.61 -20.47
CA LYS A 29 14.57 5.61 -20.41
C LYS A 29 13.26 4.82 -20.70
C LYS A 29 13.30 4.82 -20.68
N VAL A 30 12.70 4.25 -19.63
CA VAL A 30 11.56 3.36 -19.79
C VAL A 30 10.24 4.13 -19.91
N LYS A 31 10.13 5.27 -19.22
CA LYS A 31 8.86 5.96 -19.05
C LYS A 31 7.79 4.99 -18.57
N PRO A 32 7.98 4.37 -17.41
CA PRO A 32 7.04 3.37 -16.94
C PRO A 32 5.70 3.98 -16.59
N THR A 33 4.69 3.12 -16.50
CA THR A 33 3.38 3.57 -16.05
C THR A 33 3.45 4.14 -14.64
N VAL A 34 4.24 3.50 -13.77
CA VAL A 34 4.35 3.92 -12.37
C VAL A 34 5.82 3.90 -11.97
N VAL A 35 6.33 5.04 -11.49
CA VAL A 35 7.57 5.09 -10.73
C VAL A 35 7.22 5.36 -9.28
N VAL A 36 7.88 4.63 -8.38
CA VAL A 36 7.68 4.80 -6.95
C VAL A 36 8.70 5.80 -6.41
N ASN A 37 8.22 6.77 -5.64
N ASN A 37 8.22 6.78 -5.65
CA ASN A 37 9.06 7.68 -4.91
CA ASN A 37 9.09 7.66 -4.88
C ASN A 37 9.19 7.24 -3.45
C ASN A 37 9.12 7.21 -3.43
N ALA A 38 10.40 7.37 -2.92
N ALA A 38 10.31 7.22 -2.85
CA ALA A 38 10.69 7.18 -1.50
CA ALA A 38 10.50 6.98 -1.41
C ALA A 38 10.33 8.47 -0.77
C ALA A 38 10.27 8.30 -0.69
N ALA A 39 9.03 8.63 -0.50
N ALA A 39 9.01 8.59 -0.40
CA ALA A 39 8.46 9.87 0.01
CA ALA A 39 8.60 9.89 0.10
C ALA A 39 8.52 9.91 1.54
C ALA A 39 8.56 9.90 1.63
N ASN A 40 8.36 11.13 2.07
N ASN A 40 8.45 11.10 2.17
CA ASN A 40 8.03 11.33 3.48
CA ASN A 40 8.07 11.30 3.57
C ASN A 40 6.61 11.87 3.60
C ASN A 40 6.64 11.84 3.61
N VAL A 41 6.10 11.93 4.83
CA VAL A 41 4.67 12.25 5.01
C VAL A 41 4.32 13.64 4.53
N TYR A 42 5.29 14.56 4.47
CA TYR A 42 5.06 15.93 4.04
C TYR A 42 5.31 16.11 2.55
N LEU A 43 5.68 15.06 1.85
N LEU A 43 5.69 15.05 1.85
CA LEU A 43 6.05 15.15 0.44
CA LEU A 43 6.13 15.14 0.46
C LEU A 43 7.08 16.25 0.19
C LEU A 43 7.15 16.26 0.26
N LYS A 44 8.01 16.40 1.12
N LYS A 44 8.11 16.32 1.17
CA LYS A 44 9.13 17.32 0.96
CA LYS A 44 9.25 17.24 1.03
C LYS A 44 10.30 16.55 0.36
C LYS A 44 10.39 16.46 0.38
N HIS A 45 10.56 16.79 -0.92
N HIS A 45 10.59 16.68 -0.91
CA HIS A 45 11.45 15.92 -1.69
CA HIS A 45 11.52 15.89 -1.71
C HIS A 45 12.87 16.48 -1.70
C HIS A 45 12.88 16.56 -1.67
N GLY A 46 13.50 16.45 -0.52
N GLY A 46 13.66 16.27 -0.62
CA GLY A 46 14.72 17.20 -0.32
CA GLY A 46 14.92 16.95 -0.43
C GLY A 46 16.00 16.46 -0.67
C GLY A 46 16.13 16.22 -0.95
N GLY A 47 16.00 15.14 -0.50
N GLY A 47 16.19 14.91 -0.74
CA GLY A 47 17.20 14.36 -0.65
CA GLY A 47 17.36 14.14 -1.08
C GLY A 47 16.86 12.91 -0.94
C GLY A 47 17.03 12.69 -1.33
N GLY A 48 17.91 12.09 -1.06
N GLY A 48 18.09 11.90 -1.53
CA GLY A 48 17.67 10.70 -1.38
CA GLY A 48 17.89 10.50 -1.86
C GLY A 48 17.02 10.54 -2.75
C GLY A 48 17.05 10.36 -3.11
N VAL A 49 16.31 9.42 -2.91
N VAL A 49 16.19 9.34 -3.12
CA VAL A 49 15.59 9.17 -4.16
CA VAL A 49 15.31 9.10 -4.25
C VAL A 49 14.62 10.32 -4.46
C VAL A 49 14.44 10.32 -4.53
N ALA A 50 13.91 10.79 -3.44
N ALA A 50 13.82 10.87 -3.49
CA ALA A 50 12.91 11.84 -3.65
CA ALA A 50 12.84 11.93 -3.70
C ALA A 50 13.54 13.12 -4.16
C ALA A 50 13.50 13.18 -4.27
N GLY A 51 14.64 13.54 -3.54
N GLY A 51 14.63 13.60 -3.70
CA GLY A 51 15.31 14.74 -4.00
CA GLY A 51 15.33 14.75 -4.25
C GLY A 51 15.79 14.62 -5.43
C GLY A 51 15.77 14.52 -5.68
N ALA A 52 16.28 13.44 -5.80
N ALA A 52 16.20 13.30 -5.98
CA ALA A 52 16.78 13.22 -7.16
CA ALA A 52 16.65 12.98 -7.33
C ALA A 52 15.64 13.19 -8.17
C ALA A 52 15.50 13.01 -8.32
N LEU A 53 14.55 12.47 -7.87
N LEU A 53 14.39 12.35 -7.99
CA LEU A 53 13.41 12.45 -8.78
CA LEU A 53 13.21 12.42 -8.85
C LEU A 53 12.83 13.85 -8.96
C LEU A 53 12.77 13.87 -9.03
N ASN A 54 12.69 14.59 -7.87
N ASN A 54 12.62 14.60 -7.93
CA ASN A 54 12.13 15.93 -7.99
CA ASN A 54 12.10 15.96 -8.03
C ASN A 54 13.01 16.83 -8.84
C ASN A 54 13.02 16.85 -8.86
N LYS A 55 14.33 16.75 -8.65
CA LYS A 55 15.26 17.54 -9.44
C LYS A 55 15.08 17.24 -10.92
N ALA A 56 14.89 15.97 -11.28
CA ALA A 56 14.71 15.59 -12.67
C ALA A 56 13.43 16.16 -13.27
N THR A 57 12.43 16.48 -12.45
CA THR A 57 11.21 17.14 -12.92
C THR A 57 11.31 18.66 -12.89
N ASN A 58 12.48 19.21 -12.62
CA ASN A 58 12.65 20.66 -12.58
C ASN A 58 11.77 21.28 -11.49
N ASN A 59 11.57 20.55 -10.39
CA ASN A 59 10.79 20.97 -9.21
C ASN A 59 9.27 20.90 -9.43
N ALA A 60 8.80 20.42 -10.58
CA ALA A 60 7.36 20.31 -10.79
C ALA A 60 6.74 19.30 -9.82
N MET A 61 7.46 18.24 -9.49
CA MET A 61 6.97 17.28 -8.51
C MET A 61 6.72 17.96 -7.16
N GLN A 62 7.64 18.82 -6.73
CA GLN A 62 7.47 19.52 -5.46
C GLN A 62 6.28 20.48 -5.50
N VAL A 63 6.12 21.22 -6.59
CA VAL A 63 5.00 22.15 -6.71
C VAL A 63 3.67 21.40 -6.60
N GLU A 64 3.55 20.29 -7.33
CA GLU A 64 2.34 19.49 -7.29
C GLU A 64 2.13 18.93 -5.88
N SER A 65 3.21 18.48 -5.25
CA SER A 65 3.12 17.89 -3.92
C SER A 65 2.67 18.91 -2.88
N ASP A 66 3.15 20.15 -2.99
CA ASP A 66 2.77 21.17 -2.02
C ASP A 66 1.27 21.45 -2.10
N ASP A 67 0.72 21.47 -3.31
CA ASP A 67 -0.72 21.62 -3.46
C ASP A 67 -1.46 20.41 -2.88
N TYR A 68 -0.94 19.20 -3.10
CA TYR A 68 -1.56 18.01 -2.53
C TYR A 68 -1.64 18.10 -1.00
N ILE A 69 -0.53 18.48 -0.35
CA ILE A 69 -0.50 18.57 1.10
C ILE A 69 -1.41 19.68 1.60
N ALA A 70 -1.42 20.82 0.91
CA ALA A 70 -2.29 21.92 1.34
C ALA A 70 -3.75 21.50 1.33
N THR A 71 -4.13 20.62 0.41
CA THR A 71 -5.52 20.17 0.32
C THR A 71 -5.82 19.03 1.28
N ASN A 72 -4.89 18.06 1.40
CA ASN A 72 -5.19 16.79 2.02
C ASN A 72 -4.48 16.55 3.34
N GLY A 73 -3.47 17.34 3.68
CA GLY A 73 -2.66 17.08 4.85
C GLY A 73 -1.66 15.97 4.61
N PRO A 74 -0.84 15.68 5.61
CA PRO A 74 0.23 14.70 5.43
C PRO A 74 -0.28 13.29 5.21
N LEU A 75 0.56 12.51 4.54
CA LEU A 75 0.33 11.07 4.45
C LEU A 75 0.59 10.42 5.80
N LYS A 76 0.21 9.14 5.90
CA LYS A 76 0.58 8.28 7.01
C LYS A 76 1.89 7.57 6.68
N VAL A 77 2.71 7.31 7.72
CA VAL A 77 3.80 6.37 7.53
C VAL A 77 3.22 5.00 7.19
N GLY A 78 3.70 4.40 6.10
CA GLY A 78 3.11 3.21 5.52
C GLY A 78 2.12 3.48 4.43
N GLY A 79 1.74 4.74 4.21
CA GLY A 79 0.74 5.11 3.22
C GLY A 79 1.34 5.61 1.93
N SER A 80 0.46 6.06 1.04
CA SER A 80 0.86 6.47 -0.29
C SER A 80 -0.18 7.38 -0.91
N CYS A 81 0.24 8.06 -1.99
CA CYS A 81 -0.70 8.72 -2.87
C CYS A 81 -0.16 8.64 -4.29
N VAL A 82 -1.08 8.70 -5.24
CA VAL A 82 -0.74 8.71 -6.67
C VAL A 82 -0.79 10.14 -7.16
N LEU A 83 0.31 10.61 -7.72
CA LEU A 83 0.40 11.92 -8.35
C LEU A 83 0.98 11.75 -9.75
N SER A 84 1.18 12.87 -10.44
CA SER A 84 1.74 12.80 -11.78
C SER A 84 3.16 12.25 -11.77
N GLY A 85 3.52 11.55 -12.85
CA GLY A 85 4.89 11.16 -13.08
C GLY A 85 5.70 12.19 -13.84
N HIS A 86 5.07 13.29 -14.23
CA HIS A 86 5.77 14.40 -14.92
C HIS A 86 6.48 13.85 -16.14
N ASN A 87 7.73 14.20 -16.36
CA ASN A 87 8.51 13.74 -17.51
C ASN A 87 9.12 12.37 -17.29
N LEU A 88 8.88 11.73 -16.15
CA LEU A 88 9.58 10.49 -15.80
C LEU A 88 8.73 9.24 -15.98
N ALA A 89 7.41 9.36 -15.90
CA ALA A 89 6.51 8.21 -15.88
C ALA A 89 5.11 8.76 -16.04
N LYS A 90 4.15 7.88 -16.31
CA LYS A 90 2.76 8.35 -16.32
C LYS A 90 2.36 8.84 -14.94
N HIS A 91 2.60 8.02 -13.92
CA HIS A 91 2.22 8.31 -12.54
C HIS A 91 3.42 8.12 -11.64
N CYS A 92 3.43 8.87 -10.54
CA CYS A 92 4.34 8.61 -9.44
C CYS A 92 3.54 8.16 -8.23
N LEU A 93 3.86 6.98 -7.73
CA LEU A 93 3.31 6.48 -6.47
C LEU A 93 4.27 6.89 -5.35
N HIS A 94 3.86 7.89 -4.57
CA HIS A 94 4.65 8.35 -3.44
C HIS A 94 4.34 7.46 -2.27
N VAL A 95 5.33 6.68 -1.80
CA VAL A 95 5.14 5.71 -0.73
C VAL A 95 6.03 6.10 0.43
N VAL A 96 5.46 6.11 1.63
CA VAL A 96 6.20 6.48 2.84
C VAL A 96 6.58 5.21 3.60
N GLY A 97 7.83 4.81 3.48
N GLY A 97 7.84 4.83 3.52
CA GLY A 97 8.37 3.80 4.37
CA GLY A 97 8.35 3.79 4.39
C GLY A 97 8.81 4.45 5.66
C GLY A 97 8.73 4.38 5.73
N PRO A 98 8.94 3.66 6.72
N PRO A 98 8.74 3.56 6.79
CA PRO A 98 9.45 4.22 7.98
CA PRO A 98 9.17 4.06 8.10
C PRO A 98 10.89 4.70 7.84
C PRO A 98 10.62 4.51 8.05
N ASN A 99 11.18 5.83 8.46
N ASN A 99 10.90 5.61 8.74
CA ASN A 99 12.52 6.40 8.51
CA ASN A 99 12.26 6.14 8.84
C ASN A 99 13.12 6.09 9.87
C ASN A 99 12.82 5.70 10.19
N VAL A 100 14.04 5.12 9.90
N VAL A 100 13.84 4.85 10.13
CA VAL A 100 14.66 4.70 11.16
CA VAL A 100 14.42 4.27 11.34
C VAL A 100 15.40 5.86 11.82
C VAL A 100 15.09 5.35 12.17
N ASN A 101 15.94 6.77 11.03
N ASN A 101 15.66 6.36 11.50
CA ASN A 101 16.61 7.93 11.62
CA ASN A 101 16.28 7.48 12.21
C ASN A 101 15.63 8.91 12.26
C ASN A 101 15.26 8.40 12.84
N LYS A 102 14.32 8.64 12.19
N LYS A 102 13.99 8.28 12.49
CA LYS A 102 13.31 9.35 12.97
CA LYS A 102 12.90 9.03 13.11
C LYS A 102 12.71 8.50 14.08
C LYS A 102 12.17 8.23 14.17
N GLY A 103 13.12 7.24 14.21
N GLY A 103 12.66 7.05 14.51
CA GLY A 103 12.58 6.37 15.24
CA GLY A 103 12.01 6.23 15.52
C GLY A 103 11.30 5.67 14.86
C GLY A 103 10.76 5.50 15.05
N GLU A 104 10.97 5.59 13.57
N GLU A 104 10.56 5.37 13.75
CA GLU A 104 9.69 5.04 13.14
CA GLU A 104 9.33 4.83 13.21
C GLU A 104 9.73 3.52 13.08
C GLU A 104 9.40 3.31 13.09
N ASP A 105 8.57 2.91 13.30
N ASP A 105 8.25 2.67 13.32
CA ASP A 105 8.45 1.46 13.47
CA ASP A 105 8.18 1.21 13.45
C ASP A 105 8.75 0.74 12.17
C ASP A 105 8.52 0.53 12.14
N ILE A 106 9.75 -0.14 12.18
N ILE A 106 9.60 -0.26 12.13
CA ILE A 106 10.15 -0.86 10.97
CA ILE A 106 10.02 -0.97 10.93
C ILE A 106 9.06 -1.82 10.50
C ILE A 106 8.95 -1.94 10.45
N GLN A 107 8.15 -2.23 11.39
N GLN A 107 8.07 -2.39 11.36
CA GLN A 107 7.07 -3.12 11.00
CA GLN A 107 6.94 -3.21 10.95
C GLN A 107 6.19 -2.48 9.93
C GLN A 107 6.04 -2.48 9.96
N LEU A 108 6.13 -1.15 9.89
CA LEU A 108 5.37 -0.42 8.90
C LEU A 108 5.93 -0.58 7.49
N LEU A 109 7.11 -1.18 7.35
CA LEU A 109 7.66 -1.39 6.01
C LEU A 109 6.77 -2.32 5.19
N LYS A 110 6.20 -3.35 5.82
CA LYS A 110 5.30 -4.23 5.09
C LYS A 110 4.07 -3.46 4.58
N SER A 111 3.47 -2.64 5.45
CA SER A 111 2.34 -1.82 5.04
C SER A 111 2.71 -0.92 3.86
N ALA A 112 3.92 -0.35 3.90
CA ALA A 112 4.37 0.51 2.80
C ALA A 112 4.41 -0.27 1.49
N TYR A 113 5.01 -1.46 1.51
CA TYR A 113 5.08 -2.26 0.28
C TYR A 113 3.72 -2.72 -0.21
N GLU A 114 2.73 -2.89 0.69
CA GLU A 114 1.40 -3.31 0.25
C GLU A 114 0.80 -2.33 -0.77
N ASN A 115 1.20 -1.05 -0.71
CA ASN A 115 0.70 -0.09 -1.69
C ASN A 115 1.04 -0.51 -3.12
N PHE A 116 2.17 -1.21 -3.30
CA PHE A 116 2.58 -1.60 -4.64
C PHE A 116 1.56 -2.54 -5.28
N ASN A 117 0.80 -3.30 -4.48
CA ASN A 117 -0.12 -4.29 -5.03
C ASN A 117 -1.30 -3.68 -5.75
N GLN A 118 -1.49 -2.36 -5.65
CA GLN A 118 -2.55 -1.68 -6.37
C GLN A 118 -2.15 -1.33 -7.80
N HIS A 119 -0.95 -1.74 -8.23
CA HIS A 119 -0.42 -1.40 -9.56
C HIS A 119 0.21 -2.64 -10.17
N GLU A 120 -0.14 -2.92 -11.42
CA GLU A 120 0.27 -4.18 -12.03
C GLU A 120 1.78 -4.26 -12.25
N VAL A 121 2.42 -3.13 -12.56
CA VAL A 121 3.85 -3.07 -12.86
C VAL A 121 4.38 -1.75 -12.30
N LEU A 122 5.55 -1.81 -11.64
CA LEU A 122 6.15 -0.60 -11.05
C LEU A 122 7.66 -0.65 -11.19
N LEU A 123 8.25 0.53 -11.38
CA LEU A 123 9.68 0.78 -11.18
C LEU A 123 9.83 1.38 -9.79
N ALA A 124 10.73 0.84 -8.97
N ALA A 124 10.69 0.80 -8.95
CA ALA A 124 10.77 1.27 -7.59
CA ALA A 124 10.66 1.17 -7.54
C ALA A 124 12.19 1.22 -7.03
C ALA A 124 12.03 1.09 -6.89
N PRO A 125 12.47 2.01 -5.99
N PRO A 125 12.26 1.89 -5.85
CA PRO A 125 13.64 1.80 -5.15
CA PRO A 125 13.49 1.78 -5.05
C PRO A 125 13.26 0.87 -4.00
C PRO A 125 13.22 0.86 -3.85
N LEU A 126 14.27 0.45 -3.23
N LEU A 126 14.30 0.56 -3.14
CA LEU A 126 13.99 -0.28 -2.01
CA LEU A 126 14.20 -0.16 -1.88
C LEU A 126 13.50 0.69 -0.93
C LEU A 126 13.69 0.79 -0.79
N LEU A 127 12.31 0.42 -0.41
N LEU A 127 12.46 0.59 -0.35
CA LEU A 127 11.72 1.29 0.60
CA LEU A 127 11.88 1.49 0.63
C LEU A 127 12.53 1.26 1.88
C LEU A 127 12.55 1.36 2.00
N SER A 128 12.66 2.43 2.49
N SER A 128 12.59 2.49 2.70
CA SER A 128 13.35 2.65 3.76
CA SER A 128 13.14 2.62 4.06
C SER A 128 14.86 2.44 3.69
C SER A 128 14.65 2.48 4.13
N ALA A 129 15.40 2.22 2.49
N ALA A 129 15.31 2.14 3.03
CA ALA A 129 16.84 2.11 2.34
CA ALA A 129 16.75 2.01 3.02
C ALA A 129 17.45 3.52 2.26
C ALA A 129 17.38 3.36 2.67
N GLY A 130 18.77 3.56 2.05
N GLY A 130 18.68 3.35 2.35
CA GLY A 130 19.42 4.86 1.94
CA GLY A 130 19.38 4.59 2.07
C GLY A 130 19.22 5.69 3.18
C GLY A 130 19.35 5.50 3.27
N ILE A 131 18.86 6.96 2.99
N ILE A 131 19.09 6.78 3.03
CA ILE A 131 18.77 7.91 4.10
CA ILE A 131 19.06 7.77 4.10
C ILE A 131 17.64 7.61 5.07
C ILE A 131 17.85 7.59 5.02
N PHE A 132 16.72 6.71 4.73
N PHE A 132 16.96 6.64 4.71
CA PHE A 132 15.70 6.28 5.68
CA PHE A 132 15.86 6.34 5.62
C PHE A 132 16.24 5.27 6.70
C PHE A 132 16.28 5.45 6.78
N GLY A 133 17.47 4.78 6.52
N GLY A 133 17.44 4.77 6.69
CA GLY A 133 18.18 4.13 7.60
CA GLY A 133 18.05 4.17 7.85
C GLY A 133 17.86 2.67 7.87
C GLY A 133 17.95 2.67 7.98
N ALA A 134 17.02 2.03 7.06
N ALA A 134 17.06 2.01 7.24
CA ALA A 134 16.77 0.61 7.28
CA ALA A 134 16.86 0.59 7.43
C ALA A 134 17.82 -0.24 6.55
C ALA A 134 17.89 -0.23 6.66
N ASP A 135 17.89 -1.50 6.94
N ASP A 135 17.96 -1.52 7.00
CA ASP A 135 18.79 -2.47 6.31
CA ASP A 135 18.85 -2.43 6.29
C ASP A 135 18.24 -2.81 4.93
C ASP A 135 18.26 -2.78 4.94
N PRO A 136 18.95 -2.50 3.83
CA PRO A 136 18.39 -2.83 2.51
C PRO A 136 18.17 -4.30 2.27
N ILE A 137 18.95 -5.19 2.89
N ILE A 137 18.97 -5.18 2.89
CA ILE A 137 18.70 -6.62 2.75
CA ILE A 137 18.72 -6.62 2.79
C ILE A 137 17.33 -6.97 3.32
C ILE A 137 17.32 -6.94 3.31
N HIS A 138 16.99 -6.38 4.47
N HIS A 138 16.98 -6.38 4.47
CA HIS A 138 15.67 -6.59 5.04
CA HIS A 138 15.66 -6.58 5.05
C HIS A 138 14.58 -6.01 4.14
C HIS A 138 14.58 -6.00 4.15
N SER A 139 14.81 -4.81 3.60
CA SER A 139 13.81 -4.21 2.73
C SER A 139 13.53 -5.09 1.51
N LEU A 140 14.57 -5.68 0.92
CA LEU A 140 14.37 -6.55 -0.22
C LEU A 140 13.55 -7.77 0.17
N ARG A 141 13.83 -8.34 1.35
CA ARG A 141 13.07 -9.50 1.83
C ARG A 141 11.60 -9.16 2.01
N VAL A 142 11.31 -8.02 2.66
CA VAL A 142 9.92 -7.62 2.83
C VAL A 142 9.26 -7.39 1.47
N CYS A 143 9.98 -6.76 0.55
CA CYS A 143 9.42 -6.57 -0.79
C CYS A 143 9.00 -7.88 -1.41
N VAL A 144 9.91 -8.86 -1.44
CA VAL A 144 9.63 -10.14 -2.08
C VAL A 144 8.47 -10.85 -1.40
N ASP A 145 8.36 -10.71 -0.08
CA ASP A 145 7.34 -11.41 0.68
C ASP A 145 6.02 -10.65 0.77
N THR A 146 5.94 -9.46 0.19
CA THR A 146 4.73 -8.64 0.29
C THR A 146 4.15 -8.26 -1.07
N VAL A 147 5.00 -7.86 -2.01
CA VAL A 147 4.53 -7.42 -3.31
C VAL A 147 4.24 -8.64 -4.18
N ARG A 148 3.05 -8.66 -4.77
CA ARG A 148 2.61 -9.72 -5.67
C ARG A 148 2.53 -9.27 -7.11
N THR A 149 2.51 -7.97 -7.36
CA THR A 149 2.55 -7.43 -8.70
C THR A 149 4.00 -7.35 -9.16
N ASN A 150 4.20 -6.94 -10.41
CA ASN A 150 5.52 -7.02 -11.03
C ASN A 150 6.33 -5.78 -10.69
N VAL A 151 7.41 -5.96 -9.94
CA VAL A 151 8.20 -4.84 -9.46
C VAL A 151 9.64 -4.96 -9.98
N TYR A 152 10.11 -3.85 -10.55
CA TYR A 152 11.45 -3.70 -11.09
C TYR A 152 12.19 -2.75 -10.15
N LEU A 153 13.11 -3.31 -9.38
N LEU A 153 13.17 -3.29 -9.43
CA LEU A 153 13.85 -2.58 -8.36
CA LEU A 153 13.89 -2.53 -8.42
C LEU A 153 15.14 -2.03 -8.94
C LEU A 153 15.19 -1.99 -8.99
N ALA A 154 15.39 -0.75 -8.68
N ALA A 154 15.31 -0.65 -9.03
CA ALA A 154 16.63 -0.09 -9.05
CA ALA A 154 16.53 0.03 -9.45
C ALA A 154 17.41 0.22 -7.78
C ALA A 154 17.35 0.35 -8.20
N VAL A 155 18.64 -0.28 -7.72
N VAL A 155 18.57 -0.18 -8.15
CA VAL A 155 19.54 -0.07 -6.60
CA VAL A 155 19.47 -0.02 -7.01
C VAL A 155 20.72 0.75 -7.12
C VAL A 155 20.60 0.91 -7.41
N PHE A 156 20.84 1.99 -6.67
N PHE A 156 20.73 2.02 -6.68
CA PHE A 156 21.82 2.94 -7.24
CA PHE A 156 21.72 3.05 -7.01
C PHE A 156 23.25 2.49 -6.97
C PHE A 156 23.14 2.56 -6.74
N ASP A 157 23.52 1.94 -5.78
N ASP A 157 23.38 2.03 -5.55
CA ASP A 157 24.88 1.64 -5.34
CA ASP A 157 24.73 1.75 -5.08
C ASP A 157 25.29 0.25 -5.83
C ASP A 157 25.21 0.41 -5.64
N LYS A 158 26.34 0.20 -6.66
N LYS A 158 26.35 0.43 -6.32
CA LYS A 158 26.76 -1.07 -7.25
CA LYS A 158 26.86 -0.80 -6.95
C LYS A 158 27.21 -2.05 -6.18
C LYS A 158 27.23 -1.84 -5.90
N ASN A 159 27.98 -1.57 -5.20
N ASN A 159 27.99 -1.43 -4.89
CA ASN A 159 28.42 -2.45 -4.12
CA ASN A 159 28.37 -2.39 -3.85
C ASN A 159 27.22 -3.04 -3.38
C ASN A 159 27.16 -2.94 -3.11
N LEU A 160 26.23 -2.21 -3.07
N LEU A 160 26.10 -2.14 -3.01
CA LEU A 160 25.05 -2.72 -2.37
CA LEU A 160 24.88 -2.65 -2.40
C LEU A 160 24.29 -3.70 -3.24
C LEU A 160 24.18 -3.65 -3.32
N TYR A 161 24.16 -3.41 -4.53
N TYR A 161 24.06 -3.31 -4.61
CA TYR A 161 23.48 -4.33 -5.44
CA TYR A 161 23.46 -4.24 -5.57
C TYR A 161 24.10 -5.72 -5.38
C TYR A 161 24.17 -5.58 -5.54
N ASP A 162 25.44 -5.79 -5.51
N ASP A 162 25.51 -5.56 -5.52
CA ASP A 162 26.11 -7.10 -5.49
CA ASP A 162 26.27 -6.81 -5.45
C ASP A 162 25.85 -7.81 -4.17
C ASP A 162 25.93 -7.61 -4.19
N LYS A 163 25.85 -7.07 -3.06
N LYS A 163 25.82 -6.92 -3.06
CA LYS A 163 25.55 -7.68 -1.77
CA LYS A 163 25.56 -7.61 -1.80
C LYS A 163 24.11 -8.16 -1.71
C LYS A 163 24.13 -8.15 -1.75
N LEU A 164 23.17 -7.39 -2.29
CA LEU A 164 21.78 -7.82 -2.28
C LEU A 164 21.59 -9.10 -3.09
N VAL A 165 22.22 -9.18 -4.26
CA VAL A 165 22.12 -10.37 -5.08
C VAL A 165 22.78 -11.55 -4.39
N SER A 166 24.01 -11.36 -3.93
CA SER A 166 24.78 -12.49 -3.40
C SER A 166 24.18 -13.04 -2.13
N SER A 167 23.46 -12.23 -1.37
CA SER A 167 22.88 -12.67 -0.11
C SER A 167 21.41 -13.05 -0.22
N PHE A 168 20.84 -13.01 -1.43
CA PHE A 168 19.42 -13.26 -1.57
C PHE A 168 19.10 -14.73 -1.40
N LEU A 169 18.10 -15.02 -0.57
CA LEU A 169 17.70 -16.39 -0.33
C LEU A 169 16.49 -16.72 -1.19
N SER B 1 -15.22 11.54 25.93
N SER B 1 -15.23 11.51 25.95
CA SER B 1 -16.23 10.76 25.18
CA SER B 1 -16.18 10.76 25.09
C SER B 1 -15.73 9.35 24.91
C SER B 1 -15.66 9.35 24.83
N MET B 2 -16.66 8.49 24.51
N MET B 2 -16.55 8.52 24.28
CA MET B 2 -16.43 7.08 24.35
CA MET B 2 -16.32 7.09 24.15
C MET B 2 -16.45 6.76 22.86
C MET B 2 -16.32 6.73 22.66
N VAL B 3 -15.31 6.34 22.33
N VAL B 3 -15.14 6.52 22.10
CA VAL B 3 -15.20 5.90 20.94
CA VAL B 3 -14.99 6.06 20.73
C VAL B 3 -14.44 4.59 20.91
C VAL B 3 -14.22 4.75 20.73
N ASN B 4 -14.58 3.87 19.79
CA ASN B 4 -13.95 2.56 19.64
C ASN B 4 -14.18 1.69 20.88
N SER B 5 -15.40 1.71 21.39
CA SER B 5 -15.75 0.96 22.59
C SER B 5 -16.39 -0.37 22.18
N PHE B 6 -15.54 -1.25 21.67
CA PHE B 6 -15.97 -2.57 21.23
C PHE B 6 -16.18 -3.46 22.45
N SER B 7 -17.29 -4.20 22.44
CA SER B 7 -17.67 -5.04 23.57
C SER B 7 -18.26 -6.35 23.07
N GLY B 8 -17.92 -7.44 23.76
CA GLY B 8 -18.50 -8.73 23.46
C GLY B 8 -17.89 -9.45 22.29
N TYR B 9 -16.69 -9.07 21.88
CA TYR B 9 -16.03 -9.75 20.76
C TYR B 9 -15.25 -10.95 21.24
N LEU B 10 -15.20 -11.97 20.37
CA LEU B 10 -14.40 -13.16 20.60
C LEU B 10 -13.07 -12.98 19.88
N LYS B 11 -11.98 -13.22 20.59
CA LYS B 11 -10.65 -13.08 20.03
C LYS B 11 -10.32 -14.30 19.20
N LEU B 12 -9.99 -14.08 17.92
CA LEU B 12 -9.50 -15.15 17.05
C LEU B 12 -7.97 -15.18 16.98
N THR B 13 -7.36 -14.03 16.76
CA THR B 13 -5.92 -13.85 16.80
C THR B 13 -5.64 -12.60 17.63
N ASP B 14 -4.35 -12.27 17.74
N ASP B 14 -4.35 -12.25 17.73
CA ASP B 14 -3.97 -11.10 18.53
CA ASP B 14 -3.95 -11.10 18.54
C ASP B 14 -4.65 -9.83 18.04
C ASP B 14 -4.51 -9.78 18.00
N ASN B 15 -4.97 -9.75 16.75
CA ASN B 15 -5.53 -8.53 16.17
C ASN B 15 -6.88 -8.69 15.48
N VAL B 16 -7.45 -9.90 15.43
CA VAL B 16 -8.73 -10.13 14.76
C VAL B 16 -9.75 -10.63 15.77
N TYR B 17 -10.87 -9.92 15.85
CA TYR B 17 -11.95 -10.18 16.79
C TYR B 17 -13.25 -10.32 16.01
N ILE B 18 -14.21 -11.06 16.57
CA ILE B 18 -15.44 -11.35 15.84
C ILE B 18 -16.63 -11.34 16.80
N LYS B 19 -17.78 -10.89 16.28
CA LYS B 19 -19.00 -10.80 17.06
C LYS B 19 -20.20 -11.06 16.17
N ASN B 20 -21.21 -11.73 16.73
CA ASN B 20 -22.49 -11.89 16.06
C ASN B 20 -23.28 -10.62 16.29
N ALA B 21 -23.37 -9.77 15.26
CA ALA B 21 -23.97 -8.45 15.44
C ALA B 21 -24.33 -7.85 14.09
N ASP B 22 -25.29 -6.92 14.15
CA ASP B 22 -25.68 -6.06 13.03
C ASP B 22 -24.69 -4.90 12.99
N ILE B 23 -23.95 -4.77 11.88
CA ILE B 23 -22.86 -3.79 11.81
C ILE B 23 -23.35 -2.36 11.97
N VAL B 24 -24.57 -2.07 11.52
CA VAL B 24 -25.13 -0.72 11.72
C VAL B 24 -25.36 -0.45 13.20
N GLU B 25 -26.01 -1.39 13.88
CA GLU B 25 -26.24 -1.23 15.31
C GLU B 25 -24.91 -1.17 16.07
N GLU B 26 -23.95 -1.99 15.65
CA GLU B 26 -22.63 -1.96 16.27
C GLU B 26 -21.97 -0.60 16.09
N ALA B 27 -22.01 -0.07 14.86
CA ALA B 27 -21.39 1.23 14.61
C ALA B 27 -21.99 2.30 15.51
N LYS B 28 -23.32 2.30 15.64
CA LYS B 28 -23.96 3.34 16.45
C LYS B 28 -23.60 3.19 17.93
N LYS B 29 -23.34 1.96 18.38
CA LYS B 29 -23.00 1.76 19.79
C LYS B 29 -21.51 1.96 20.05
N VAL B 30 -20.64 1.45 19.17
CA VAL B 30 -19.19 1.45 19.38
C VAL B 30 -18.59 2.82 19.12
N LYS B 31 -19.18 3.57 18.22
CA LYS B 31 -18.66 4.86 17.76
C LYS B 31 -17.24 4.69 17.23
N PRO B 32 -17.05 3.85 16.21
CA PRO B 32 -15.70 3.59 15.71
C PRO B 32 -15.14 4.76 14.93
N THR B 33 -13.81 4.89 14.95
CA THR B 33 -13.14 5.80 14.04
C THR B 33 -13.40 5.43 12.59
N VAL B 34 -13.41 4.12 12.28
CA VAL B 34 -13.56 3.65 10.91
C VAL B 34 -14.56 2.51 10.89
N VAL B 35 -15.60 2.64 10.05
CA VAL B 35 -16.41 1.51 9.64
C VAL B 35 -16.10 1.20 8.19
N VAL B 36 -15.92 -0.09 7.88
CA VAL B 36 -15.66 -0.54 6.52
C VAL B 36 -16.98 -0.82 5.82
N ASN B 37 -17.09 -0.32 4.59
CA ASN B 37 -18.19 -0.69 3.71
C ASN B 37 -17.72 -1.71 2.70
N ALA B 38 -18.58 -2.69 2.43
CA ALA B 38 -18.41 -3.68 1.36
C ALA B 38 -18.89 -3.03 0.06
N ALA B 39 -18.00 -2.22 -0.52
CA ALA B 39 -18.31 -1.36 -1.65
C ALA B 39 -18.08 -2.06 -2.99
N ASN B 40 -18.60 -1.43 -4.04
CA ASN B 40 -18.25 -1.75 -5.41
C ASN B 40 -17.56 -0.53 -6.05
N VAL B 41 -17.04 -0.71 -7.27
CA VAL B 41 -16.13 0.28 -7.83
C VAL B 41 -16.81 1.62 -8.10
N TYR B 42 -18.12 1.63 -8.34
CA TYR B 42 -18.84 2.88 -8.57
C TYR B 42 -19.56 3.39 -7.31
N LEU B 43 -19.29 2.78 -6.16
CA LEU B 43 -19.85 3.20 -4.89
C LEU B 43 -21.37 3.33 -4.99
N LYS B 44 -22.00 2.33 -5.61
CA LYS B 44 -23.45 2.23 -5.69
C LYS B 44 -23.91 1.29 -4.58
N HIS B 45 -24.49 1.88 -3.53
CA HIS B 45 -24.73 1.16 -2.28
C HIS B 45 -26.13 0.57 -2.28
N GLY B 46 -26.29 -0.49 -3.07
N GLY B 46 -26.30 -0.47 -3.09
CA GLY B 46 -27.60 -1.07 -3.30
CA GLY B 46 -27.60 -1.06 -3.27
C GLY B 46 -28.05 -2.14 -2.32
C GLY B 46 -27.99 -2.07 -2.20
N GLY B 47 -27.21 -3.14 -2.08
CA GLY B 47 -27.61 -4.30 -1.30
C GLY B 47 -26.64 -4.64 -0.19
N GLY B 48 -27.00 -5.67 0.57
CA GLY B 48 -26.11 -6.16 1.60
C GLY B 48 -25.66 -5.07 2.55
N VAL B 49 -24.39 -5.15 2.94
CA VAL B 49 -23.84 -4.20 3.91
C VAL B 49 -23.95 -2.77 3.40
N ALA B 50 -23.59 -2.53 2.13
CA ALA B 50 -23.59 -1.17 1.61
C ALA B 50 -24.99 -0.57 1.64
N GLY B 51 -25.99 -1.35 1.25
CA GLY B 51 -27.35 -0.84 1.31
C GLY B 51 -27.76 -0.48 2.72
N ALA B 52 -27.39 -1.32 3.69
CA ALA B 52 -27.76 -1.05 5.07
C ALA B 52 -27.05 0.18 5.62
N LEU B 53 -25.74 0.31 5.35
CA LEU B 53 -25.03 1.50 5.83
C LEU B 53 -25.61 2.75 5.21
N ASN B 54 -25.85 2.73 3.89
CA ASN B 54 -26.37 3.93 3.25
C ASN B 54 -27.75 4.29 3.79
N LYS B 55 -28.61 3.29 3.97
CA LYS B 55 -29.94 3.56 4.52
C LYS B 55 -29.84 4.21 5.89
N ALA B 56 -28.90 3.75 6.73
CA ALA B 56 -28.75 4.33 8.06
C ALA B 56 -28.36 5.80 7.98
N THR B 57 -27.66 6.21 6.92
CA THR B 57 -27.29 7.61 6.72
C THR B 57 -28.38 8.41 6.00
N ASN B 58 -29.55 7.81 5.78
CA ASN B 58 -30.63 8.49 5.07
C ASN B 58 -30.17 8.97 3.70
N ASN B 59 -29.37 8.13 3.02
CA ASN B 59 -28.90 8.32 1.66
C ASN B 59 -27.76 9.35 1.56
N ALA B 60 -27.32 9.95 2.67
CA ALA B 60 -26.22 10.91 2.60
C ALA B 60 -24.94 10.26 2.08
N MET B 61 -24.72 8.99 2.44
CA MET B 61 -23.55 8.29 1.93
C MET B 61 -23.59 8.19 0.41
N GLN B 62 -24.76 7.88 -0.16
CA GLN B 62 -24.85 7.75 -1.61
C GLN B 62 -24.61 9.08 -2.31
N VAL B 63 -25.18 10.17 -1.78
CA VAL B 63 -24.97 11.47 -2.39
C VAL B 63 -23.49 11.83 -2.39
N GLU B 64 -22.83 11.63 -1.24
CA GLU B 64 -21.41 11.92 -1.12
C GLU B 64 -20.60 11.04 -2.07
N SER B 65 -21.00 9.77 -2.19
CA SER B 65 -20.29 8.82 -3.04
C SER B 65 -20.40 9.19 -4.51
N ASP B 66 -21.59 9.60 -4.96
CA ASP B 66 -21.75 10.00 -6.35
C ASP B 66 -20.89 11.20 -6.68
N ASP B 67 -20.78 12.16 -5.75
CA ASP B 67 -19.88 13.29 -5.97
C ASP B 67 -18.42 12.85 -6.03
N TYR B 68 -18.02 11.92 -5.15
CA TYR B 68 -16.66 11.38 -5.21
C TYR B 68 -16.38 10.77 -6.58
N ILE B 69 -17.32 9.98 -7.10
CA ILE B 69 -17.13 9.33 -8.40
C ILE B 69 -17.04 10.35 -9.52
N ALA B 70 -17.88 11.38 -9.47
CA ALA B 70 -17.82 12.41 -10.50
C ALA B 70 -16.43 13.05 -10.56
N THR B 71 -15.81 13.25 -9.40
CA THR B 71 -14.51 13.92 -9.34
C THR B 71 -13.36 12.97 -9.64
N ASN B 72 -13.46 11.71 -9.21
CA ASN B 72 -12.33 10.81 -9.18
C ASN B 72 -12.46 9.59 -10.08
N GLY B 73 -13.65 9.27 -10.57
CA GLY B 73 -13.86 8.05 -11.31
C GLY B 73 -13.92 6.85 -10.39
N PRO B 74 -14.17 5.68 -10.97
CA PRO B 74 -14.37 4.47 -10.17
C PRO B 74 -13.09 4.00 -9.50
N LEU B 75 -13.28 3.27 -8.40
CA LEU B 75 -12.19 2.59 -7.74
C LEU B 75 -11.76 1.38 -8.56
N LYS B 76 -10.63 0.79 -8.16
CA LYS B 76 -10.18 -0.51 -8.65
C LYS B 76 -10.70 -1.61 -7.72
N VAL B 77 -11.01 -2.77 -8.28
CA VAL B 77 -11.25 -3.93 -7.44
C VAL B 77 -9.97 -4.20 -6.65
N GLY B 78 -10.12 -4.35 -5.33
CA GLY B 78 -9.00 -4.43 -4.42
C GLY B 78 -8.59 -3.11 -3.80
N GLY B 79 -9.18 -2.00 -4.25
CA GLY B 79 -8.85 -0.68 -3.76
C GLY B 79 -9.88 -0.16 -2.76
N SER B 80 -9.66 1.09 -2.34
CA SER B 80 -10.50 1.69 -1.33
C SER B 80 -10.45 3.21 -1.43
N CYS B 81 -11.41 3.86 -0.75
CA CYS B 81 -11.32 5.29 -0.48
C CYS B 81 -11.92 5.57 0.88
N VAL B 82 -11.47 6.66 1.49
CA VAL B 82 -11.97 7.13 2.78
C VAL B 82 -12.95 8.26 2.53
N LEU B 83 -14.18 8.10 3.03
CA LEU B 83 -15.20 9.13 2.99
C LEU B 83 -15.74 9.34 4.40
N SER B 84 -16.74 10.21 4.54
CA SER B 84 -17.33 10.44 5.85
C SER B 84 -18.02 9.20 6.38
N GLY B 85 -18.02 9.05 7.70
CA GLY B 85 -18.81 8.04 8.36
C GLY B 85 -20.19 8.49 8.80
N HIS B 86 -20.57 9.75 8.58
CA HIS B 86 -21.95 10.21 8.80
C HIS B 86 -22.36 9.94 10.24
N ASN B 87 -23.48 9.28 10.49
CA ASN B 87 -23.94 8.94 11.84
C ASN B 87 -23.43 7.60 12.32
N LEU B 88 -22.48 7.01 11.61
CA LEU B 88 -21.98 5.67 11.91
C LEU B 88 -20.57 5.63 12.48
N ALA B 89 -19.73 6.59 12.11
CA ALA B 89 -18.31 6.50 12.41
C ALA B 89 -17.70 7.84 12.03
N LYS B 90 -16.45 8.06 12.45
CA LYS B 90 -15.75 9.23 11.94
C LYS B 90 -15.59 9.13 10.43
N HIS B 91 -15.11 7.97 9.95
CA HIS B 91 -14.84 7.73 8.55
C HIS B 91 -15.49 6.42 8.14
N CYS B 92 -15.87 6.35 6.87
CA CYS B 92 -16.17 5.09 6.21
C CYS B 92 -15.07 4.77 5.22
N LEU B 93 -14.44 3.60 5.40
CA LEU B 93 -13.49 3.08 4.44
C LEU B 93 -14.24 2.18 3.48
N HIS B 94 -14.44 2.66 2.25
CA HIS B 94 -15.13 1.90 1.22
C HIS B 94 -14.11 0.99 0.55
N VAL B 95 -14.22 -0.32 0.75
CA VAL B 95 -13.24 -1.28 0.24
C VAL B 95 -13.94 -2.19 -0.77
N VAL B 96 -13.33 -2.36 -1.93
CA VAL B 96 -13.90 -3.18 -2.99
C VAL B 96 -13.21 -4.55 -2.98
N GLY B 97 -13.89 -5.56 -2.44
CA GLY B 97 -13.47 -6.93 -2.61
C GLY B 97 -13.98 -7.48 -3.93
N PRO B 98 -13.36 -8.54 -4.44
CA PRO B 98 -13.86 -9.17 -5.67
C PRO B 98 -15.25 -9.75 -5.45
N ASN B 99 -16.09 -9.59 -6.46
CA ASN B 99 -17.44 -10.16 -6.48
C ASN B 99 -17.40 -11.43 -7.31
N VAL B 100 -17.36 -12.58 -6.66
N VAL B 100 -17.36 -12.58 -6.65
CA VAL B 100 -17.33 -13.86 -7.37
CA VAL B 100 -17.33 -13.87 -7.34
C VAL B 100 -18.60 -14.06 -8.17
C VAL B 100 -18.60 -14.09 -8.16
N ASN B 101 -19.73 -13.56 -7.68
CA ASN B 101 -20.99 -13.64 -8.43
C ASN B 101 -20.95 -12.84 -9.72
N LYS B 102 -19.96 -11.94 -9.87
CA LYS B 102 -19.72 -11.22 -11.12
C LYS B 102 -18.52 -11.78 -11.87
N GLY B 103 -17.95 -12.89 -11.43
CA GLY B 103 -16.83 -13.50 -12.12
C GLY B 103 -15.49 -12.89 -11.81
N GLU B 104 -15.41 -11.99 -10.83
N GLU B 104 -15.40 -12.01 -10.81
CA GLU B 104 -14.16 -11.31 -10.52
CA GLU B 104 -14.14 -11.36 -10.49
C GLU B 104 -13.22 -12.25 -9.77
C GLU B 104 -13.23 -12.32 -9.73
N ASP B 105 -11.92 -11.98 -9.90
N ASP B 105 -11.92 -12.07 -9.85
CA ASP B 105 -10.89 -12.91 -9.44
CA ASP B 105 -10.92 -13.02 -9.37
C ASP B 105 -10.81 -12.90 -7.92
C ASP B 105 -10.82 -12.97 -7.85
N ILE B 106 -11.11 -14.04 -7.30
N ILE B 106 -11.11 -14.11 -7.20
CA ILE B 106 -11.04 -14.17 -5.85
CA ILE B 106 -11.02 -14.20 -5.75
C ILE B 106 -9.64 -13.88 -5.33
C ILE B 106 -9.62 -13.90 -5.24
N GLN B 107 -8.62 -13.99 -6.19
N GLN B 107 -8.61 -14.02 -6.10
CA GLN B 107 -7.25 -13.71 -5.76
CA GLN B 107 -7.24 -13.72 -5.70
C GLN B 107 -7.07 -12.28 -5.28
C GLN B 107 -7.05 -12.27 -5.28
N LEU B 108 -7.94 -11.36 -5.72
CA LEU B 108 -7.84 -9.94 -5.35
C LEU B 108 -8.30 -9.65 -3.93
N LEU B 109 -8.78 -10.67 -3.22
CA LEU B 109 -9.25 -10.48 -1.86
C LEU B 109 -8.12 -10.06 -0.92
N LYS B 110 -6.91 -10.59 -1.12
CA LYS B 110 -5.81 -10.18 -0.25
C LYS B 110 -5.51 -8.70 -0.41
N SER B 111 -5.43 -8.22 -1.66
CA SER B 111 -5.23 -6.79 -1.90
C SER B 111 -6.31 -5.96 -1.22
N ALA B 112 -7.56 -6.42 -1.30
CA ALA B 112 -8.65 -5.68 -0.64
C ALA B 112 -8.41 -5.56 0.86
N TYR B 113 -8.05 -6.68 1.51
CA TYR B 113 -7.81 -6.63 2.94
C TYR B 113 -6.60 -5.77 3.30
N GLU B 114 -5.61 -5.65 2.41
CA GLU B 114 -4.44 -4.84 2.73
C GLU B 114 -4.83 -3.39 3.04
N ASN B 115 -5.96 -2.92 2.49
CA ASN B 115 -6.40 -1.57 2.80
C ASN B 115 -6.62 -1.37 4.29
N PHE B 116 -7.02 -2.43 5.00
CA PHE B 116 -7.30 -2.31 6.42
C PHE B 116 -6.04 -1.91 7.20
N ASN B 117 -4.85 -2.27 6.69
CA ASN B 117 -3.62 -2.00 7.42
C ASN B 117 -3.27 -0.53 7.50
N GLN B 118 -3.99 0.33 6.77
CA GLN B 118 -3.79 1.76 6.85
C GLN B 118 -4.56 2.41 7.99
N HIS B 119 -5.24 1.61 8.83
CA HIS B 119 -6.06 2.12 9.92
C HIS B 119 -5.79 1.28 11.16
N GLU B 120 -5.55 1.94 12.29
CA GLU B 120 -5.13 1.20 13.47
C GLU B 120 -6.23 0.30 14.04
N VAL B 121 -7.49 0.70 13.90
CA VAL B 121 -8.63 -0.06 14.38
C VAL B 121 -9.83 0.18 13.48
N LEU B 122 -10.56 -0.88 13.16
CA LEU B 122 -11.70 -0.82 12.24
C LEU B 122 -12.80 -1.75 12.71
N LEU B 123 -14.05 -1.31 12.48
CA LEU B 123 -15.23 -2.17 12.50
C LEU B 123 -15.52 -2.58 11.07
N ALA B 124 -15.67 -3.88 10.80
CA ALA B 124 -15.73 -4.31 9.41
C ALA B 124 -16.61 -5.53 9.20
N PRO B 125 -17.14 -5.71 8.00
CA PRO B 125 -17.69 -6.98 7.56
C PRO B 125 -16.59 -7.84 6.93
N LEU B 126 -16.92 -9.11 6.71
CA LEU B 126 -16.04 -9.98 5.92
C LEU B 126 -16.13 -9.59 4.46
N LEU B 127 -15.00 -9.24 3.87
CA LEU B 127 -14.98 -8.81 2.49
C LEU B 127 -15.31 -9.96 1.55
N SER B 128 -16.01 -9.63 0.48
CA SER B 128 -16.41 -10.53 -0.58
C SER B 128 -17.40 -11.60 -0.13
N ALA B 129 -17.88 -11.54 1.11
CA ALA B 129 -18.87 -12.48 1.60
C ALA B 129 -20.27 -12.07 1.15
N GLY B 130 -21.23 -12.91 1.50
CA GLY B 130 -22.62 -12.55 1.29
C GLY B 130 -22.94 -12.41 -0.18
N ILE B 131 -23.52 -11.26 -0.54
CA ILE B 131 -23.94 -11.03 -1.91
C ILE B 131 -22.76 -10.97 -2.88
N PHE B 132 -21.53 -10.86 -2.38
CA PHE B 132 -20.35 -10.91 -3.24
C PHE B 132 -19.91 -12.33 -3.57
N GLY B 133 -20.45 -13.35 -2.89
CA GLY B 133 -20.34 -14.72 -3.36
C GLY B 133 -19.12 -15.52 -2.92
N ALA B 134 -18.17 -14.95 -2.21
CA ALA B 134 -17.03 -15.74 -1.77
C ALA B 134 -17.40 -16.59 -0.56
N ASP B 135 -16.59 -17.62 -0.32
CA ASP B 135 -16.76 -18.44 0.86
C ASP B 135 -16.36 -17.61 2.08
N PRO B 136 -17.27 -17.35 3.02
CA PRO B 136 -16.89 -16.53 4.18
C PRO B 136 -15.78 -17.15 5.01
N ILE B 137 -15.67 -18.48 5.04
CA ILE B 137 -14.55 -19.12 5.73
C ILE B 137 -13.24 -18.70 5.10
N HIS B 138 -13.20 -18.65 3.78
CA HIS B 138 -11.99 -18.18 3.09
C HIS B 138 -11.75 -16.70 3.35
N SER B 139 -12.80 -15.89 3.36
CA SER B 139 -12.60 -14.47 3.62
C SER B 139 -12.00 -14.26 5.00
N LEU B 140 -12.47 -15.02 6.00
CA LEU B 140 -11.89 -14.91 7.33
C LEU B 140 -10.42 -15.33 7.32
N ARG B 141 -10.10 -16.40 6.59
CA ARG B 141 -8.72 -16.85 6.43
C ARG B 141 -7.84 -15.73 5.89
N VAL B 142 -8.26 -15.13 4.78
CA VAL B 142 -7.46 -14.07 4.18
C VAL B 142 -7.35 -12.88 5.13
N CYS B 143 -8.44 -12.56 5.82
CA CYS B 143 -8.39 -11.46 6.81
C CYS B 143 -7.30 -11.73 7.84
N VAL B 144 -7.34 -12.90 8.47
CA VAL B 144 -6.37 -13.21 9.52
C VAL B 144 -4.94 -13.21 8.99
N ASP B 145 -4.76 -13.66 7.75
CA ASP B 145 -3.42 -13.79 7.17
C ASP B 145 -2.92 -12.50 6.54
N THR B 146 -3.75 -11.45 6.49
CA THR B 146 -3.38 -10.21 5.81
C THR B 146 -3.43 -8.99 6.71
N VAL B 147 -4.47 -8.87 7.52
CA VAL B 147 -4.65 -7.69 8.36
C VAL B 147 -3.79 -7.85 9.60
N ARG B 148 -3.04 -6.79 9.91
CA ARG B 148 -2.21 -6.72 11.10
C ARG B 148 -2.69 -5.69 12.10
N THR B 149 -3.51 -4.73 11.68
CA THR B 149 -4.13 -3.77 12.58
C THR B 149 -5.36 -4.42 13.23
N ASN B 150 -6.00 -3.71 14.13
CA ASN B 150 -7.04 -4.31 14.96
C ASN B 150 -8.38 -4.25 14.23
N VAL B 151 -8.90 -5.42 13.86
CA VAL B 151 -10.14 -5.48 13.10
C VAL B 151 -11.19 -6.23 13.90
N TYR B 152 -12.35 -5.60 14.04
CA TYR B 152 -13.51 -6.10 14.76
C TYR B 152 -14.57 -6.44 13.72
N LEU B 153 -14.79 -7.74 13.50
CA LEU B 153 -15.67 -8.24 12.46
C LEU B 153 -17.08 -8.44 13.01
N ALA B 154 -18.07 -7.92 12.30
CA ALA B 154 -19.47 -8.09 12.64
C ALA B 154 -20.09 -9.07 11.65
N VAL B 155 -20.67 -10.15 12.18
CA VAL B 155 -21.33 -11.16 11.38
C VAL B 155 -22.79 -11.20 11.81
N PHE B 156 -23.71 -10.91 10.88
CA PHE B 156 -25.11 -10.74 11.23
C PHE B 156 -25.79 -12.05 11.61
N ASP B 157 -25.61 -13.10 10.82
CA ASP B 157 -26.33 -14.35 11.02
C ASP B 157 -25.62 -15.19 12.07
N LYS B 158 -26.29 -15.47 13.18
CA LYS B 158 -25.72 -16.33 14.24
C LYS B 158 -25.22 -17.66 13.68
N ASN B 159 -25.94 -18.23 12.72
CA ASN B 159 -25.53 -19.55 12.20
C ASN B 159 -24.24 -19.45 11.38
N LEU B 160 -24.05 -18.35 10.65
CA LEU B 160 -22.78 -18.17 9.96
C LEU B 160 -21.67 -17.86 10.95
N TYR B 161 -21.95 -17.03 11.95
CA TYR B 161 -20.99 -16.77 13.02
C TYR B 161 -20.50 -18.08 13.61
N ASP B 162 -21.42 -18.97 13.97
CA ASP B 162 -21.04 -20.24 14.58
C ASP B 162 -20.18 -21.07 13.64
N LYS B 163 -20.53 -21.08 12.34
CA LYS B 163 -19.72 -21.83 11.38
C LYS B 163 -18.31 -21.26 11.28
N LEU B 164 -18.19 -19.93 11.28
CA LEU B 164 -16.89 -19.28 11.19
C LEU B 164 -16.04 -19.55 12.42
N VAL B 165 -16.62 -19.40 13.62
CA VAL B 165 -15.86 -19.58 14.85
C VAL B 165 -15.50 -21.05 15.04
N SER B 166 -16.49 -21.93 14.84
CA SER B 166 -16.27 -23.34 15.15
C SER B 166 -15.26 -23.97 14.20
N SER B 167 -15.12 -23.45 12.99
CA SER B 167 -14.19 -24.01 12.00
C SER B 167 -12.85 -23.28 11.94
N PHE B 168 -12.68 -22.17 12.66
CA PHE B 168 -11.43 -21.43 12.57
C PHE B 168 -10.28 -22.19 13.19
N LEU B 169 -10.55 -22.96 14.25
CA LEU B 169 -9.54 -23.71 14.95
C LEU B 169 -10.08 -25.00 15.54
#